data_3HPK
#
_entry.id   3HPK
#
_cell.length_a   49.260
_cell.length_b   51.790
_cell.length_c   80.830
_cell.angle_alpha   90.00
_cell.angle_beta   90.00
_cell.angle_gamma   90.00
#
_symmetry.space_group_name_H-M   'P 21 21 21'
#
loop_
_entity.id
_entity.type
_entity.pdbx_description
1 polymer 'PRKCA-binding protein,9-mer peptide of THE GLUR2 SUBUNIT'
2 non-polymer GLYCEROL
3 water water
#
_entity_poly.entity_id   1
_entity_poly.type   'polypeptide(L)'
_entity_poly.pdbx_seq_one_letter_code
;MFADLDYDIEEDKLGIPTVPGKVTLQKDAQNLIGISIGGGAQYCPCLYIVQVFDNTPAALDGTVAAGDEITGVNGRSIKG
KTKVEVAKMIQEVKGEVTIHYNKLQADPKQLEVLFNGPGIESVKI
;
_entity_poly.pdbx_strand_id   A,B
#
loop_
_chem_comp.id
_chem_comp.type
_chem_comp.name
_chem_comp.formula
GOL non-polymer GLYCEROL 'C3 H8 O3'
#
# COMPACT_ATOMS: atom_id res chain seq x y z
N LEU A 14 9.07 -7.05 5.61
CA LEU A 14 8.74 -6.89 4.15
C LEU A 14 9.32 -5.59 3.57
N GLY A 15 10.65 -5.47 3.65
CA GLY A 15 11.38 -4.36 3.04
C GLY A 15 11.90 -4.73 1.66
N ILE A 16 11.04 -4.56 0.65
CA ILE A 16 11.33 -5.00 -0.72
C ILE A 16 11.26 -3.83 -1.71
N PRO A 17 12.38 -3.53 -2.41
CA PRO A 17 12.39 -2.50 -3.46
C PRO A 17 11.46 -2.81 -4.63
N THR A 18 11.00 -1.77 -5.32
CA THR A 18 10.05 -1.92 -6.42
C THR A 18 10.45 -1.08 -7.63
N VAL A 19 9.94 -1.48 -8.79
CA VAL A 19 10.05 -0.69 -10.01
C VAL A 19 8.71 -0.56 -10.71
N PRO A 20 8.35 0.67 -11.13
CA PRO A 20 7.05 0.84 -11.79
C PRO A 20 7.08 0.27 -13.19
N GLY A 21 5.94 -0.27 -13.62
CA GLY A 21 5.77 -0.76 -14.96
C GLY A 21 4.29 -0.76 -15.31
N LYS A 22 4.00 -1.06 -16.57
CA LYS A 22 2.62 -1.19 -17.04
C LYS A 22 2.54 -2.19 -18.18
N VAL A 23 1.38 -2.83 -18.31
CA VAL A 23 1.12 -3.74 -19.41
C VAL A 23 -0.31 -3.55 -19.92
N THR A 24 -0.47 -3.61 -21.24
CA THR A 24 -1.77 -3.56 -21.86
C THR A 24 -2.20 -4.99 -22.19
N LEU A 25 -3.30 -5.41 -21.58
CA LEU A 25 -3.83 -6.76 -21.77
C LEU A 25 -5.18 -6.72 -22.47
N GLN A 26 -5.38 -7.64 -23.41
CA GLN A 26 -6.68 -7.83 -24.04
C GLN A 26 -7.59 -8.58 -23.07
N LYS A 27 -8.87 -8.22 -23.06
CA LYS A 27 -9.88 -8.98 -22.34
C LYS A 27 -10.16 -10.29 -23.08
N ASP A 28 -10.33 -11.39 -22.35
CA ASP A 28 -10.74 -12.64 -22.97
C ASP A 28 -12.25 -12.63 -23.23
N ALA A 29 -12.79 -13.72 -23.80
CA ALA A 29 -14.22 -13.78 -24.16
C ALA A 29 -15.16 -13.53 -22.97
N GLN A 30 -14.70 -13.83 -21.76
CA GLN A 30 -15.51 -13.65 -20.55
C GLN A 30 -15.23 -12.33 -19.85
N ASN A 31 -14.54 -11.42 -20.55
CA ASN A 31 -14.18 -10.10 -20.01
C ASN A 31 -13.25 -10.23 -18.78
N LEU A 32 -12.33 -11.19 -18.87
CA LEU A 32 -11.32 -11.42 -17.83
C LEU A 32 -9.93 -11.12 -18.37
N ILE A 33 -9.08 -10.54 -17.53
CA ILE A 33 -7.65 -10.48 -17.83
C ILE A 33 -6.90 -11.65 -17.20
N GLY A 34 -7.42 -12.16 -16.08
CA GLY A 34 -6.88 -13.35 -15.42
C GLY A 34 -6.03 -13.17 -14.16
N ILE A 35 -6.32 -12.13 -13.39
CA ILE A 35 -5.67 -11.94 -12.09
C ILE A 35 -6.68 -11.77 -10.95
N SER A 36 -6.22 -12.09 -9.75
CA SER A 36 -6.88 -11.71 -8.50
C SER A 36 -6.10 -10.60 -7.84
N ILE A 37 -6.83 -9.61 -7.33
CA ILE A 37 -6.24 -8.45 -6.67
C ILE A 37 -6.81 -8.34 -5.25
N GLY A 38 -5.96 -7.96 -4.31
CA GLY A 38 -6.36 -7.82 -2.91
C GLY A 38 -5.17 -7.77 -1.96
N GLY A 39 -5.31 -8.46 -0.83
CA GLY A 39 -4.31 -8.45 0.21
C GLY A 39 -4.86 -9.04 1.50
N GLY A 40 -4.18 -8.74 2.60
CA GLY A 40 -4.56 -9.26 3.91
C GLY A 40 -5.85 -8.63 4.39
N ALA A 41 -6.38 -9.19 5.49
CA ALA A 41 -7.56 -8.65 6.15
C ALA A 41 -7.24 -7.32 6.83
N GLN A 42 -6.02 -7.20 7.37
CA GLN A 42 -5.61 -5.96 8.03
C GLN A 42 -5.51 -4.82 7.02
N TYR A 43 -5.64 -3.60 7.53
CA TYR A 43 -5.50 -2.42 6.72
C TYR A 43 -4.20 -2.43 5.92
N CYS A 44 -4.30 -2.10 4.65
CA CYS A 44 -3.14 -1.82 3.80
C CYS A 44 -3.54 -0.74 2.79
N PRO A 45 -2.71 0.30 2.64
CA PRO A 45 -3.01 1.35 1.65
C PRO A 45 -2.66 0.93 0.22
N CYS A 46 -2.07 -0.25 0.09
CA CYS A 46 -1.65 -0.77 -1.22
C CYS A 46 -2.39 -2.06 -1.57
N LEU A 47 -2.46 -2.35 -2.87
CA LEU A 47 -3.20 -3.50 -3.37
C LEU A 47 -2.27 -4.40 -4.19
N TYR A 48 -2.45 -5.70 -4.06
CA TYR A 48 -1.52 -6.67 -4.64
C TYR A 48 -2.21 -7.68 -5.53
N ILE A 49 -1.51 -8.08 -6.58
CA ILE A 49 -1.91 -9.24 -7.36
C ILE A 49 -1.66 -10.48 -6.51
N VAL A 50 -2.75 -11.21 -6.28
CA VAL A 50 -2.81 -12.31 -5.34
C VAL A 50 -2.68 -13.66 -6.05
N GLN A 51 -3.11 -13.70 -7.30
CA GLN A 51 -3.08 -14.92 -8.12
C GLN A 51 -3.12 -14.53 -9.61
N VAL A 52 -2.29 -15.21 -10.41
CA VAL A 52 -2.42 -15.19 -11.86
C VAL A 52 -2.95 -16.55 -12.33
N PHE A 53 -4.07 -16.53 -13.03
CA PHE A 53 -4.74 -17.75 -13.49
C PHE A 53 -4.21 -18.23 -14.83
N ASP A 54 -4.03 -19.54 -14.94
CA ASP A 54 -3.52 -20.18 -16.16
C ASP A 54 -4.33 -19.85 -17.40
N ASN A 55 -3.63 -19.72 -18.54
CA ASN A 55 -4.23 -19.60 -19.87
C ASN A 55 -5.05 -18.33 -20.17
N THR A 56 -4.94 -17.36 -19.28
CA THR A 56 -5.63 -16.10 -19.40
C THR A 56 -4.67 -15.09 -20.02
N PRO A 57 -5.19 -13.95 -20.53
CA PRO A 57 -4.30 -12.90 -21.06
C PRO A 57 -3.10 -12.56 -20.15
N ALA A 58 -3.34 -12.40 -18.85
CA ALA A 58 -2.27 -12.10 -17.88
C ALA A 58 -1.15 -13.14 -17.84
N ALA A 59 -1.52 -14.42 -17.79
CA ALA A 59 -0.56 -15.52 -17.77
C ALA A 59 0.26 -15.61 -19.06
N LEU A 60 -0.42 -15.56 -20.22
CA LEU A 60 0.26 -15.70 -21.51
C LEU A 60 1.23 -14.56 -21.79
N ASP A 61 0.82 -13.36 -21.40
CA ASP A 61 1.66 -12.17 -21.50
C ASP A 61 2.93 -12.34 -20.68
N GLY A 62 2.78 -12.78 -19.43
CA GLY A 62 3.91 -13.20 -18.60
C GLY A 62 4.59 -12.10 -17.80
N THR A 63 4.13 -10.87 -17.97
CA THR A 63 4.70 -9.70 -17.29
C THR A 63 4.44 -9.73 -15.77
N VAL A 64 3.17 -9.84 -15.38
CA VAL A 64 2.78 -9.73 -13.97
C VAL A 64 2.83 -11.06 -13.24
N ALA A 65 2.97 -10.98 -11.92
CA ALA A 65 3.03 -12.16 -11.08
C ALA A 65 2.40 -11.89 -9.72
N ALA A 66 2.02 -12.95 -9.02
CA ALA A 66 1.58 -12.87 -7.63
C ALA A 66 2.62 -12.12 -6.80
N GLY A 67 2.18 -11.16 -6.01
CA GLY A 67 3.08 -10.37 -5.18
C GLY A 67 3.41 -9.00 -5.73
N ASP A 68 3.15 -8.80 -7.02
CA ASP A 68 3.27 -7.48 -7.63
C ASP A 68 2.17 -6.55 -7.10
N GLU A 69 2.53 -5.30 -6.87
CA GLU A 69 1.56 -4.30 -6.43
C GLU A 69 0.81 -3.71 -7.63
N ILE A 70 -0.51 -3.71 -7.58
CA ILE A 70 -1.30 -2.98 -8.60
C ILE A 70 -1.50 -1.53 -8.18
N THR A 71 -1.17 -0.60 -9.06
CA THR A 71 -1.12 0.81 -8.69
C THR A 71 -2.08 1.70 -9.48
N GLY A 72 -2.46 1.25 -10.66
CA GLY A 72 -3.34 2.04 -11.51
C GLY A 72 -3.96 1.31 -12.67
N VAL A 73 -4.84 2.03 -13.37
CA VAL A 73 -5.57 1.52 -14.51
C VAL A 73 -5.69 2.66 -15.53
N ASN A 74 -5.26 2.42 -16.76
CA ASN A 74 -5.38 3.40 -17.85
C ASN A 74 -5.01 4.84 -17.44
N GLY A 75 -3.82 5.00 -16.85
CA GLY A 75 -3.29 6.30 -16.45
C GLY A 75 -3.97 6.93 -15.24
N ARG A 76 -4.74 6.15 -14.49
CA ARG A 76 -5.37 6.64 -13.26
C ARG A 76 -4.91 5.79 -12.08
N SER A 77 -4.42 6.46 -11.03
CA SER A 77 -4.04 5.80 -9.80
C SER A 77 -5.29 5.23 -9.15
N ILE A 78 -5.16 4.06 -8.53
CA ILE A 78 -6.28 3.43 -7.82
C ILE A 78 -6.17 3.57 -6.30
N LYS A 79 -5.20 4.39 -5.86
CA LYS A 79 -4.94 4.62 -4.45
C LYS A 79 -6.17 5.19 -3.74
N GLY A 80 -6.49 4.64 -2.58
CA GLY A 80 -7.68 5.04 -1.83
C GLY A 80 -8.95 4.31 -2.23
N LYS A 81 -8.84 3.39 -3.19
CA LYS A 81 -10.01 2.64 -3.65
C LYS A 81 -10.01 1.23 -3.10
N THR A 82 -11.21 0.69 -2.89
CA THR A 82 -11.35 -0.70 -2.44
C THR A 82 -11.08 -1.64 -3.60
N LYS A 83 -10.75 -2.89 -3.29
CA LYS A 83 -10.49 -3.89 -4.33
C LYS A 83 -11.73 -4.11 -5.22
N VAL A 84 -12.92 -4.03 -4.62
CA VAL A 84 -14.19 -4.11 -5.37
C VAL A 84 -14.30 -2.94 -6.37
N GLU A 85 -13.99 -1.73 -5.93
CA GLU A 85 -13.99 -0.55 -6.80
C GLU A 85 -13.00 -0.67 -7.97
N VAL A 86 -11.79 -1.18 -7.69
CA VAL A 86 -10.78 -1.39 -8.72
C VAL A 86 -11.21 -2.46 -9.74
N ALA A 87 -11.75 -3.57 -9.21
CA ALA A 87 -12.28 -4.65 -10.02
C ALA A 87 -13.40 -4.16 -10.94
N LYS A 88 -14.36 -3.43 -10.36
CA LYS A 88 -15.44 -2.79 -11.10
C LYS A 88 -14.89 -1.90 -12.24
N MET A 89 -13.89 -1.11 -11.91
CA MET A 89 -13.18 -0.24 -12.86
C MET A 89 -12.60 -1.04 -14.04
N ILE A 90 -11.89 -2.12 -13.73
CA ILE A 90 -11.27 -2.99 -14.73
C ILE A 90 -12.33 -3.73 -15.56
N GLN A 91 -13.37 -4.24 -14.89
CA GLN A 91 -14.47 -4.95 -15.57
C GLN A 91 -15.22 -4.05 -16.57
N GLU A 92 -15.30 -2.76 -16.28
CA GLU A 92 -16.01 -1.81 -17.14
C GLU A 92 -15.21 -1.32 -18.34
N VAL A 93 -13.92 -1.59 -18.35
CA VAL A 93 -13.07 -1.30 -19.50
C VAL A 93 -13.23 -2.46 -20.50
N LYS A 94 -13.62 -2.15 -21.73
CA LYS A 94 -13.93 -3.18 -22.73
C LYS A 94 -12.78 -3.47 -23.68
N GLY A 95 -12.65 -4.73 -24.09
CA GLY A 95 -11.65 -5.17 -25.06
C GLY A 95 -10.21 -5.20 -24.58
N GLU A 96 -9.77 -4.12 -23.94
CA GLU A 96 -8.35 -3.90 -23.68
C GLU A 96 -8.15 -3.00 -22.47
N VAL A 97 -7.22 -3.37 -21.57
CA VAL A 97 -6.95 -2.58 -20.36
C VAL A 97 -5.45 -2.48 -20.03
N THR A 98 -5.03 -1.29 -19.62
CA THR A 98 -3.65 -1.07 -19.20
C THR A 98 -3.54 -1.11 -17.67
N ILE A 99 -2.78 -2.09 -17.18
CA ILE A 99 -2.56 -2.30 -15.75
C ILE A 99 -1.21 -1.72 -15.37
N HIS A 100 -1.23 -0.79 -14.41
CA HIS A 100 -0.01 -0.21 -13.86
C HIS A 100 0.34 -0.95 -12.57
N TYR A 101 1.63 -1.22 -12.38
CA TYR A 101 2.08 -2.09 -11.30
C TYR A 101 3.46 -1.72 -10.78
N ASN A 102 3.76 -2.14 -9.56
CA ASN A 102 5.13 -2.18 -9.06
C ASN A 102 5.59 -3.62 -8.99
N LYS A 103 6.72 -3.92 -9.64
CA LYS A 103 7.36 -5.22 -9.52
C LYS A 103 8.14 -5.24 -8.22
N LEU A 104 7.85 -6.22 -7.36
CA LEU A 104 8.60 -6.40 -6.14
C LEU A 104 9.86 -7.20 -6.41
N GLN A 105 11.00 -6.66 -5.97
CA GLN A 105 12.31 -7.26 -6.21
C GLN A 105 12.65 -8.28 -5.13
N ALA A 106 11.94 -9.40 -5.15
CA ALA A 106 12.14 -10.48 -4.20
C ALA A 106 11.97 -11.82 -4.90
N ASP A 107 12.34 -12.88 -4.20
CA ASP A 107 12.13 -14.25 -4.67
C ASP A 107 10.65 -14.41 -5.03
N PRO A 108 10.36 -14.64 -6.34
CA PRO A 108 9.00 -14.69 -6.86
C PRO A 108 8.17 -15.80 -6.22
N LYS A 109 8.81 -16.94 -5.98
CA LYS A 109 8.15 -18.10 -5.37
C LYS A 109 7.76 -17.86 -3.92
N GLN A 110 8.56 -17.08 -3.20
CA GLN A 110 8.24 -16.69 -1.83
C GLN A 110 7.10 -15.66 -1.79
N LEU A 111 7.01 -14.83 -2.82
CA LEU A 111 5.92 -13.88 -2.98
C LEU A 111 4.60 -14.61 -3.26
N GLU A 112 4.66 -15.61 -4.15
CA GLU A 112 3.51 -16.45 -4.46
C GLU A 112 2.92 -17.11 -3.23
N VAL A 113 3.78 -17.81 -2.49
CA VAL A 113 3.41 -18.48 -1.25
C VAL A 113 2.79 -17.48 -0.26
N LEU A 114 3.46 -16.34 -0.08
CA LEU A 114 2.98 -15.32 0.84
C LEU A 114 1.53 -14.95 0.57
N PHE A 115 1.22 -14.59 -0.67
CA PHE A 115 -0.13 -14.17 -1.03
C PHE A 115 -1.08 -15.35 -1.31
N ASN A 116 -0.58 -16.57 -1.09
CA ASN A 116 -1.39 -17.79 -1.07
C ASN A 116 -1.98 -18.01 0.34
N GLY A 117 -1.52 -17.22 1.30
CA GLY A 117 -1.81 -17.46 2.71
C GLY A 117 -3.26 -17.32 3.15
N PRO A 118 -3.57 -17.82 4.36
CA PRO A 118 -4.91 -17.71 4.94
C PRO A 118 -5.35 -16.27 5.24
N GLY A 119 -6.62 -15.97 5.00
CA GLY A 119 -7.17 -14.65 5.30
C GLY A 119 -6.98 -13.64 4.19
N ILE A 120 -6.36 -14.07 3.09
CA ILE A 120 -6.21 -13.20 1.92
C ILE A 120 -7.57 -13.05 1.24
N GLU A 121 -7.99 -11.80 1.06
CA GLU A 121 -9.24 -11.47 0.36
C GLU A 121 -8.89 -10.87 -0.99
N SER A 122 -9.61 -11.29 -2.03
CA SER A 122 -9.29 -10.87 -3.39
C SER A 122 -10.50 -10.93 -4.31
N VAL A 123 -10.48 -10.10 -5.35
CA VAL A 123 -11.47 -10.17 -6.41
C VAL A 123 -10.80 -10.58 -7.71
N LYS A 124 -11.39 -11.57 -8.37
CA LYS A 124 -10.91 -12.03 -9.67
C LYS A 124 -11.44 -11.11 -10.76
N ILE A 125 -10.55 -10.67 -11.64
CA ILE A 125 -10.94 -9.90 -12.85
C ILE A 125 -10.11 -10.27 -14.09
N VAL B 19 -5.32 12.13 -1.69
CA VAL B 19 -4.42 13.27 -2.05
C VAL B 19 -3.02 13.10 -1.41
N PRO B 20 -1.96 13.20 -2.24
CA PRO B 20 -0.60 13.26 -1.69
C PRO B 20 -0.40 14.55 -0.90
N GLY B 21 0.32 14.47 0.20
CA GLY B 21 0.63 15.63 1.03
C GLY B 21 2.02 15.53 1.60
N LYS B 22 2.35 16.51 2.42
CA LYS B 22 3.65 16.57 3.06
C LYS B 22 3.56 17.53 4.24
N VAL B 23 4.12 17.12 5.38
CA VAL B 23 4.08 17.90 6.60
C VAL B 23 5.47 17.94 7.24
N THR B 24 5.89 19.13 7.67
CA THR B 24 7.16 19.31 8.34
C THR B 24 6.90 19.56 9.81
N LEU B 25 7.48 18.70 10.63
CA LEU B 25 7.26 18.70 12.07
C LEU B 25 8.56 18.81 12.85
N GLN B 26 8.48 19.52 13.96
CA GLN B 26 9.57 19.69 14.91
C GLN B 26 9.40 18.60 15.98
N LYS B 27 10.45 17.84 16.24
CA LYS B 27 10.42 16.81 17.29
C LYS B 27 10.31 17.43 18.67
N ASP B 28 9.58 16.78 19.57
CA ASP B 28 9.41 17.30 20.93
C ASP B 28 10.61 16.94 21.80
N ALA B 29 10.51 17.26 23.10
CA ALA B 29 11.57 16.99 24.06
C ALA B 29 11.92 15.50 24.21
N GLN B 30 10.94 14.64 23.92
CA GLN B 30 11.11 13.18 23.94
C GLN B 30 11.72 12.66 22.64
N ASN B 31 11.98 13.57 21.69
CA ASN B 31 12.44 13.22 20.33
C ASN B 31 11.34 12.47 19.54
N LEU B 32 10.09 12.85 19.80
CA LEU B 32 8.92 12.26 19.13
C LEU B 32 8.25 13.26 18.21
N ILE B 33 7.73 12.76 17.09
CA ILE B 33 6.74 13.52 16.34
C ILE B 33 5.31 13.19 16.80
N GLY B 34 5.10 11.96 17.27
CA GLY B 34 3.81 11.55 17.84
C GLY B 34 2.89 10.65 17.02
N ILE B 35 3.47 9.79 16.20
CA ILE B 35 2.70 8.78 15.48
C ILE B 35 3.30 7.38 15.62
N SER B 36 2.45 6.37 15.50
CA SER B 36 2.91 5.00 15.34
C SER B 36 2.70 4.58 13.89
N ILE B 37 3.63 3.79 13.38
CA ILE B 37 3.66 3.35 11.98
C ILE B 37 3.43 1.85 11.90
N GLY B 38 2.58 1.46 10.95
CA GLY B 38 2.27 0.05 10.71
C GLY B 38 2.63 -0.33 9.28
N GLY B 39 2.52 -1.62 8.99
CA GLY B 39 2.85 -2.13 7.66
C GLY B 39 4.30 -2.58 7.52
N GLY B 40 4.71 -2.78 6.26
CA GLY B 40 6.04 -3.34 5.95
C GLY B 40 6.22 -4.73 6.50
N ALA B 41 5.11 -5.43 6.77
CA ALA B 41 5.12 -6.77 7.38
C ALA B 41 3.78 -7.47 7.16
N GLN B 42 3.77 -8.79 7.36
CA GLN B 42 2.58 -9.60 7.17
C GLN B 42 2.26 -9.50 5.65
N TYR B 43 1.02 -9.09 5.32
CA TYR B 43 0.66 -9.00 3.90
C TYR B 43 0.76 -7.62 3.23
N CYS B 44 1.34 -6.67 3.98
CA CYS B 44 1.39 -5.28 3.50
C CYS B 44 2.81 -4.66 3.53
N PRO B 45 3.53 -4.75 2.37
CA PRO B 45 4.82 -4.06 2.16
C PRO B 45 4.76 -2.55 2.41
N CYS B 46 3.64 -1.91 2.10
CA CYS B 46 3.48 -0.46 2.31
C CYS B 46 3.40 -0.07 3.79
N LEU B 47 3.66 1.21 4.08
CA LEU B 47 3.67 1.75 5.43
C LEU B 47 2.56 2.77 5.62
N TYR B 48 1.98 2.82 6.82
CA TYR B 48 0.84 3.68 7.09
C TYR B 48 0.81 4.09 8.55
N ILE B 49 0.03 5.13 8.87
CA ILE B 49 -0.18 5.57 10.25
C ILE B 49 -1.25 4.77 10.99
N VAL B 50 -0.85 4.15 12.10
CA VAL B 50 -1.77 3.41 12.99
C VAL B 50 -2.49 4.36 13.96
N GLN B 51 -1.72 5.27 14.57
CA GLN B 51 -2.24 6.18 15.59
C GLN B 51 -1.48 7.50 15.55
N VAL B 52 -2.22 8.58 15.75
CA VAL B 52 -1.65 9.89 16.00
C VAL B 52 -1.86 10.15 17.49
N PHE B 53 -0.77 10.32 18.22
CA PHE B 53 -0.86 10.47 19.68
C PHE B 53 -1.19 11.89 20.09
N ASP B 54 -2.05 12.02 21.09
CA ASP B 54 -2.41 13.30 21.68
C ASP B 54 -1.19 13.93 22.36
N ASN B 55 -1.18 15.26 22.47
CA ASN B 55 -0.10 16.00 23.14
C ASN B 55 1.28 15.81 22.47
N THR B 56 1.27 15.75 21.14
CA THR B 56 2.49 15.57 20.35
C THR B 56 2.50 16.58 19.19
N PRO B 57 3.68 16.81 18.57
CA PRO B 57 3.74 17.67 17.37
C PRO B 57 2.80 17.27 16.23
N ALA B 58 2.64 15.98 15.96
CA ALA B 58 1.75 15.51 14.90
C ALA B 58 0.27 15.84 15.16
N ALA B 59 -0.18 15.62 16.40
CA ALA B 59 -1.56 15.94 16.81
C ALA B 59 -1.81 17.43 16.83
N LEU B 60 -0.81 18.17 17.29
CA LEU B 60 -0.87 19.63 17.32
C LEU B 60 -1.07 20.19 15.91
N ASP B 61 -0.30 19.68 14.96
CA ASP B 61 -0.39 20.13 13.58
C ASP B 61 -1.74 19.76 12.94
N GLY B 62 -2.21 18.54 13.18
CA GLY B 62 -3.57 18.12 12.80
C GLY B 62 -3.76 17.58 11.39
N THR B 63 -2.69 17.63 10.59
CA THR B 63 -2.73 17.25 9.18
C THR B 63 -2.90 15.75 8.96
N VAL B 64 -2.01 14.95 9.55
CA VAL B 64 -2.02 13.51 9.36
C VAL B 64 -3.05 12.82 10.25
N ALA B 65 -3.53 11.66 9.79
CA ALA B 65 -4.52 10.88 10.52
C ALA B 65 -4.27 9.39 10.34
N ALA B 66 -4.75 8.60 11.30
CA ALA B 66 -4.70 7.15 11.22
C ALA B 66 -5.17 6.64 9.85
N GLY B 67 -4.36 5.78 9.24
CA GLY B 67 -4.69 5.22 7.92
C GLY B 67 -3.99 5.90 6.76
N ASP B 68 -3.42 7.08 6.99
CA ASP B 68 -2.64 7.76 5.96
C ASP B 68 -1.38 6.96 5.66
N GLU B 69 -1.02 6.89 4.38
CA GLU B 69 0.16 6.13 3.98
C GLU B 69 1.41 7.00 4.10
N ILE B 70 2.47 6.42 4.66
CA ILE B 70 3.79 7.04 4.68
C ILE B 70 4.52 6.65 3.41
N THR B 71 4.93 7.66 2.63
CA THR B 71 5.63 7.41 1.36
C THR B 71 7.10 7.85 1.37
N GLY B 72 7.44 8.80 2.23
CA GLY B 72 8.80 9.33 2.26
C GLY B 72 9.16 10.14 3.50
N VAL B 73 10.47 10.30 3.70
CA VAL B 73 11.01 11.12 4.79
C VAL B 73 12.08 12.04 4.22
N ASN B 74 11.96 13.34 4.51
CA ASN B 74 12.92 14.36 4.08
C ASN B 74 13.30 14.29 2.61
N GLY B 75 12.30 14.29 1.74
CA GLY B 75 12.48 14.32 0.29
C GLY B 75 13.02 13.02 -0.31
N ARG B 76 12.95 11.95 0.47
CA ARG B 76 13.44 10.64 0.05
C ARG B 76 12.37 9.58 0.25
N SER B 77 12.15 8.78 -0.79
CA SER B 77 11.21 7.67 -0.74
C SER B 77 11.65 6.62 0.29
N ILE B 78 10.68 6.05 1.00
CA ILE B 78 10.98 4.97 1.96
C ILE B 78 10.50 3.61 1.44
N LYS B 79 10.07 3.57 0.19
CA LYS B 79 9.60 2.33 -0.42
C LYS B 79 10.73 1.30 -0.40
N GLY B 80 10.41 0.10 0.08
CA GLY B 80 11.39 -0.96 0.27
C GLY B 80 12.05 -0.97 1.64
N LYS B 81 11.65 -0.02 2.50
CA LYS B 81 12.17 0.01 3.86
C LYS B 81 11.14 -0.49 4.88
N THR B 82 11.64 -1.17 5.91
CA THR B 82 10.80 -1.68 6.99
C THR B 82 10.40 -0.52 7.90
N LYS B 83 9.37 -0.72 8.72
CA LYS B 83 8.94 0.31 9.66
C LYS B 83 9.97 0.57 10.76
N VAL B 84 10.75 -0.45 11.11
CA VAL B 84 11.85 -0.30 12.05
C VAL B 84 12.93 0.60 11.45
N GLU B 85 13.27 0.38 10.18
CA GLU B 85 14.24 1.20 9.46
C GLU B 85 13.79 2.66 9.31
N VAL B 86 12.51 2.84 9.00
CA VAL B 86 11.92 4.18 8.85
C VAL B 86 11.89 4.95 10.18
N ALA B 87 11.60 4.24 11.28
CA ALA B 87 11.61 4.83 12.62
C ALA B 87 12.99 5.35 13.02
N LYS B 88 13.99 4.50 12.85
CA LYS B 88 15.39 4.81 13.13
C LYS B 88 15.84 6.05 12.35
N MET B 89 15.41 6.13 11.10
CA MET B 89 15.64 7.25 10.19
C MET B 89 15.09 8.57 10.78
N ILE B 90 13.82 8.55 11.18
CA ILE B 90 13.16 9.74 11.74
C ILE B 90 13.78 10.12 13.10
N GLN B 91 14.05 9.08 13.90
CA GLN B 91 14.61 9.19 15.24
C GLN B 91 15.95 9.93 15.23
N GLU B 92 16.72 9.75 14.16
CA GLU B 92 18.05 10.33 14.05
C GLU B 92 18.08 11.71 13.39
N VAL B 93 16.98 12.09 12.73
CA VAL B 93 16.91 13.38 12.04
C VAL B 93 17.25 14.52 12.99
N LYS B 94 18.22 15.33 12.58
CA LYS B 94 18.59 16.54 13.29
C LYS B 94 17.76 17.68 12.69
N GLY B 95 17.05 18.39 13.55
CA GLY B 95 16.18 19.45 13.08
C GLY B 95 14.86 18.88 12.60
N GLU B 96 14.14 19.67 11.81
CA GLU B 96 12.77 19.35 11.42
C GLU B 96 12.66 18.14 10.49
N VAL B 97 11.64 17.32 10.73
CA VAL B 97 11.40 16.16 9.89
C VAL B 97 10.19 16.36 8.97
N THR B 98 10.42 16.18 7.67
CA THR B 98 9.36 16.25 6.67
C THR B 98 8.87 14.83 6.34
N ILE B 99 7.62 14.57 6.71
CA ILE B 99 6.93 13.34 6.37
C ILE B 99 6.13 13.52 5.07
N HIS B 100 6.38 12.64 4.12
CA HIS B 100 5.61 12.60 2.87
C HIS B 100 4.56 11.51 2.99
N TYR B 101 3.32 11.84 2.69
CA TYR B 101 2.21 10.93 2.89
C TYR B 101 1.16 11.04 1.77
N ASN B 102 0.25 10.07 1.73
CA ASN B 102 -1.00 10.19 0.97
C ASN B 102 -2.16 10.22 1.95
N LYS B 103 -3.03 11.23 1.82
CA LYS B 103 -4.23 11.32 2.64
C LYS B 103 -5.24 10.28 2.19
N LEU B 104 -5.68 9.45 3.14
CA LEU B 104 -6.61 8.35 2.87
C LEU B 104 -7.81 8.39 3.82
N GLN B 105 -8.39 9.57 3.96
CA GLN B 105 -9.48 9.80 4.92
C GLN B 105 -10.89 9.69 4.31
N ALA B 106 -11.01 8.90 3.24
CA ALA B 106 -12.31 8.53 2.69
C ALA B 106 -12.83 7.29 3.40
N ASP B 107 -14.15 7.12 3.42
CA ASP B 107 -14.83 6.05 4.19
C ASP B 107 -14.31 5.95 5.63
N PRO B 108 -14.68 6.91 6.49
CA PRO B 108 -14.17 6.92 7.88
C PRO B 108 -14.77 5.80 8.74
N LYS B 109 -15.97 5.35 8.36
CA LYS B 109 -16.64 4.23 9.02
C LYS B 109 -15.83 2.93 8.87
N GLN B 110 -15.18 2.78 7.72
CA GLN B 110 -14.32 1.63 7.45
C GLN B 110 -12.96 1.76 8.16
N LEU B 111 -12.37 2.96 8.10
CA LEU B 111 -11.12 3.26 8.79
C LEU B 111 -11.22 2.94 10.28
N GLU B 112 -12.31 3.40 10.89
CA GLU B 112 -12.59 3.13 12.31
C GLU B 112 -12.53 1.63 12.63
N VAL B 113 -13.09 0.82 11.73
CA VAL B 113 -13.11 -0.64 11.89
C VAL B 113 -11.71 -1.27 11.69
N LEU B 114 -11.05 -0.94 10.58
CA LEU B 114 -9.76 -1.54 10.24
C LEU B 114 -8.61 -1.16 11.18
N PHE B 115 -8.93 -0.41 12.23
CA PHE B 115 -7.98 -0.09 13.30
C PHE B 115 -8.59 -0.39 14.66
N ASN B 116 -9.82 -0.92 14.65
CA ASN B 116 -10.63 -1.14 15.86
C ASN B 116 -10.34 -2.47 16.57
N GLY B 117 -9.93 -3.48 15.80
CA GLY B 117 -9.68 -4.82 16.35
C GLY B 117 -8.25 -5.03 16.83
N PRO B 118 -7.90 -6.29 17.17
CA PRO B 118 -6.57 -6.65 17.65
C PRO B 118 -5.57 -7.01 16.55
N GLY B 119 -4.30 -7.12 16.92
CA GLY B 119 -3.28 -7.73 16.04
C GLY B 119 -2.33 -6.80 15.31
N ILE B 120 -2.64 -5.50 15.33
CA ILE B 120 -1.85 -4.52 14.57
C ILE B 120 -0.52 -4.21 15.27
N GLU B 121 0.56 -4.50 14.56
CA GLU B 121 1.88 -4.18 15.05
C GLU B 121 2.30 -2.80 14.57
N SER B 122 2.82 -1.98 15.50
CA SER B 122 3.28 -0.65 15.16
C SER B 122 4.60 -0.28 15.81
N VAL B 123 5.23 0.77 15.28
CA VAL B 123 6.42 1.36 15.90
C VAL B 123 6.18 2.86 16.11
N LYS B 124 6.43 3.30 17.34
CA LYS B 124 6.28 4.69 17.71
C LYS B 124 7.46 5.55 17.23
N ILE B 125 7.12 6.68 16.61
CA ILE B 125 8.14 7.65 16.18
C ILE B 125 7.74 9.06 16.63
C1 GOL C . 8.10 10.76 -3.85
O1 GOL C . 8.91 9.78 -4.47
C2 GOL C . 8.27 10.66 -2.34
O2 GOL C . 7.04 10.94 -1.69
C3 GOL C . 9.33 11.65 -1.88
O3 GOL C . 9.51 11.53 -0.49
#